data_3IX1
#
_entry.id   3IX1
#
_cell.length_a   59.918
_cell.length_b   96.953
_cell.length_c   104.888
_cell.angle_alpha   90.000
_cell.angle_beta   90.000
_cell.angle_gamma   90.000
#
_symmetry.space_group_name_H-M   'P 21 21 21'
#
loop_
_entity.id
_entity.type
_entity.pdbx_description
1 polymer 'N-formyl-4-amino-5-aminomethyl-2-methylpyrimidine binding protein'
2 non-polymer N-[(4-amino-2-methylpyrimidin-5-yl)methyl]formamide
3 water water
#
_entity_poly.entity_id   1
_entity_poly.type   'polypeptide(L)'
_entity_poly.pdbx_seq_one_letter_code
;ALETVEVMLDWYPNAVHTFLYVAIENGYFAEEGLDVDIVFPTNPTDPIQLTASGAIPLALSYQPDVILARSKDLPVVSVA
SVVRSPLNHVMFLAEQDFDSPADLVGLTVGYPGIPVNEPILKTMVEAAGGDYEQVHLMDVGFELGASIVSGRADAVVGTY
INHEYPVLKHEGHDISYFNPVDYGVPEYDELVLISNEAYVEESGEVLAAFWRAALKGYEWMVENPDEALNVLLTNQDEAN
FPLIQEVEEESLSILLEKMENPNGPFGGQDAESWEEVISWLDAHDWLEQPVVAEDAFSSITD
;
_entity_poly.pdbx_strand_id   A,B
#
# COMPACT_ATOMS: atom_id res chain seq x y z
N ALA A 1 2.61 19.84 -31.11
CA ALA A 1 2.66 21.33 -30.88
C ALA A 1 2.57 21.64 -29.38
N LEU A 2 1.58 21.05 -28.72
CA LEU A 2 1.42 21.24 -27.28
C LEU A 2 2.29 20.27 -26.51
N GLU A 3 3.08 20.81 -25.58
CA GLU A 3 3.94 19.97 -24.76
C GLU A 3 3.06 19.29 -23.73
N THR A 4 3.03 17.97 -23.74
CA THR A 4 2.19 17.24 -22.79
C THR A 4 2.94 16.93 -21.51
N VAL A 5 2.37 17.36 -20.40
CA VAL A 5 2.98 17.15 -19.10
C VAL A 5 2.03 16.39 -18.15
N GLU A 6 2.54 15.30 -17.58
CA GLU A 6 1.80 14.49 -16.64
C GLU A 6 2.06 14.95 -15.21
N VAL A 7 1.01 15.29 -14.48
CA VAL A 7 1.17 15.74 -13.10
C VAL A 7 0.42 14.81 -12.16
N MET A 8 1.16 14.02 -11.37
CA MET A 8 0.50 13.12 -10.45
C MET A 8 0.33 13.79 -9.09
N LEU A 9 -0.93 13.92 -8.67
CA LEU A 9 -1.25 14.52 -7.39
C LEU A 9 -0.81 13.57 -6.28
N ASP A 10 -0.82 14.06 -5.05
CA ASP A 10 -0.42 13.28 -3.90
C ASP A 10 -1.53 12.39 -3.37
N TRP A 11 -2.76 12.77 -3.66
CA TRP A 11 -3.91 12.04 -3.15
C TRP A 11 -5.06 12.29 -4.12
N TYR A 12 -6.26 11.88 -3.76
CA TYR A 12 -7.38 12.17 -4.62
C TYR A 12 -7.62 13.66 -4.48
N PRO A 13 -8.22 14.31 -5.49
CA PRO A 13 -8.48 15.74 -5.44
C PRO A 13 -9.19 16.26 -4.19
N ASN A 14 -8.73 17.41 -3.71
CA ASN A 14 -9.32 18.08 -2.56
C ASN A 14 -8.80 19.52 -2.53
N ALA A 15 -9.38 20.33 -1.65
CA ALA A 15 -9.03 21.75 -1.50
C ALA A 15 -7.60 22.16 -1.83
N VAL A 16 -6.61 21.41 -1.36
CA VAL A 16 -5.20 21.74 -1.58
C VAL A 16 -4.81 21.80 -3.05
N HIS A 17 -5.56 21.10 -3.90
CA HIS A 17 -5.28 21.06 -5.32
C HIS A 17 -5.93 22.18 -6.17
N THR A 18 -6.69 23.03 -5.50
CA THR A 18 -7.39 24.14 -6.15
C THR A 18 -6.56 24.96 -7.14
N PHE A 19 -5.37 25.38 -6.74
CA PHE A 19 -4.58 26.19 -7.64
C PHE A 19 -4.30 25.49 -8.98
N LEU A 20 -4.06 24.18 -8.93
CA LEU A 20 -3.79 23.44 -10.15
C LEU A 20 -4.97 23.36 -11.10
N TYR A 21 -6.16 23.14 -10.54
CA TYR A 21 -7.35 23.04 -11.37
C TYR A 21 -7.74 24.40 -11.95
N VAL A 22 -7.46 25.47 -11.21
CA VAL A 22 -7.77 26.80 -11.69
C VAL A 22 -6.89 27.08 -12.89
N ALA A 23 -5.65 26.59 -12.83
CA ALA A 23 -4.71 26.77 -13.93
C ALA A 23 -5.27 26.11 -15.19
N ILE A 24 -5.72 24.87 -15.04
CA ILE A 24 -6.31 24.13 -16.16
C ILE A 24 -7.49 24.87 -16.75
N GLU A 25 -8.48 25.15 -15.89
CA GLU A 25 -9.71 25.83 -16.29
C GLU A 25 -9.53 27.21 -16.91
N ASN A 26 -8.52 27.95 -16.47
CA ASN A 26 -8.33 29.29 -17.01
C ASN A 26 -7.43 29.34 -18.24
N GLY A 27 -6.99 28.16 -18.69
CA GLY A 27 -6.17 28.07 -19.87
C GLY A 27 -4.74 28.53 -19.66
N TYR A 28 -4.34 28.72 -18.41
CA TYR A 28 -2.98 29.16 -18.12
C TYR A 28 -1.95 28.23 -18.75
N PHE A 29 -2.26 26.94 -18.76
CA PHE A 29 -1.33 25.97 -19.33
C PHE A 29 -1.35 26.07 -20.87
N ALA A 30 -2.54 26.24 -21.43
CA ALA A 30 -2.68 26.37 -22.88
C ALA A 30 -1.90 27.61 -23.32
N GLU A 31 -2.10 28.70 -22.60
CA GLU A 31 -1.40 29.95 -22.94
C GLU A 31 0.11 29.71 -22.94
N GLU A 32 0.57 28.82 -22.07
CA GLU A 32 1.99 28.51 -21.98
C GLU A 32 2.39 27.39 -22.92
N GLY A 33 1.49 27.02 -23.83
CA GLY A 33 1.77 25.96 -24.78
C GLY A 33 1.90 24.57 -24.18
N LEU A 34 1.32 24.38 -23.00
CA LEU A 34 1.39 23.09 -22.34
C LEU A 34 0.05 22.38 -22.27
N ASP A 35 0.11 21.06 -22.32
CA ASP A 35 -1.08 20.23 -22.20
C ASP A 35 -0.84 19.45 -20.90
N VAL A 36 -1.37 19.96 -19.80
CA VAL A 36 -1.20 19.31 -18.50
C VAL A 36 -2.17 18.15 -18.28
N ASP A 37 -1.62 17.01 -17.91
CA ASP A 37 -2.40 15.80 -17.67
C ASP A 37 -2.37 15.46 -16.18
N ILE A 38 -3.42 15.84 -15.44
CA ILE A 38 -3.47 15.52 -14.02
C ILE A 38 -3.83 14.06 -13.85
N VAL A 39 -3.02 13.34 -13.07
CA VAL A 39 -3.24 11.92 -12.83
C VAL A 39 -3.30 11.58 -11.36
N PHE A 40 -4.16 10.64 -10.99
CA PHE A 40 -4.26 10.23 -9.60
C PHE A 40 -3.34 9.03 -9.41
N PRO A 41 -2.85 8.83 -8.18
CA PRO A 41 -1.96 7.71 -7.91
C PRO A 41 -2.71 6.42 -7.58
N THR A 42 -2.22 5.29 -8.07
CA THR A 42 -2.83 4.01 -7.77
C THR A 42 -2.43 3.62 -6.36
N ASN A 43 -1.13 3.78 -6.06
CA ASN A 43 -0.58 3.50 -4.75
C ASN A 43 -0.13 4.84 -4.17
N PRO A 44 -0.38 5.07 -2.88
CA PRO A 44 0.02 6.31 -2.24
C PRO A 44 1.48 6.68 -2.50
N THR A 45 2.35 5.68 -2.60
CA THR A 45 3.77 5.92 -2.85
C THR A 45 4.16 6.11 -4.32
N ASP A 46 3.20 5.99 -5.23
CA ASP A 46 3.46 6.14 -6.67
C ASP A 46 4.13 7.46 -7.04
N PRO A 47 3.62 8.60 -6.53
CA PRO A 47 4.18 9.92 -6.83
C PRO A 47 5.70 10.00 -6.83
N ILE A 48 6.33 9.58 -5.74
CA ILE A 48 7.77 9.64 -5.66
C ILE A 48 8.47 8.55 -6.47
N GLN A 49 7.90 7.36 -6.50
CA GLN A 49 8.50 6.26 -7.24
C GLN A 49 8.47 6.52 -8.75
N LEU A 50 7.32 6.94 -9.25
CA LEU A 50 7.20 7.21 -10.66
C LEU A 50 8.06 8.41 -11.06
N THR A 51 8.02 9.47 -10.28
CA THR A 51 8.83 10.65 -10.60
C THR A 51 10.30 10.24 -10.63
N ALA A 52 10.70 9.51 -9.61
CA ALA A 52 12.08 9.03 -9.49
C ALA A 52 12.50 8.22 -10.72
N SER A 53 11.69 7.23 -11.08
CA SER A 53 11.98 6.36 -12.21
C SER A 53 11.97 7.12 -13.53
N GLY A 54 11.45 8.34 -13.51
CA GLY A 54 11.41 9.13 -14.74
C GLY A 54 10.14 8.94 -15.54
N ALA A 55 9.29 8.01 -15.12
CA ALA A 55 8.04 7.76 -15.83
C ALA A 55 7.28 9.08 -15.96
N ILE A 56 7.11 9.79 -14.86
CA ILE A 56 6.43 11.09 -14.88
C ILE A 56 7.40 12.18 -14.43
N PRO A 57 7.27 13.39 -15.01
CA PRO A 57 8.17 14.50 -14.65
C PRO A 57 7.73 15.36 -13.46
N LEU A 58 6.45 15.31 -13.10
CA LEU A 58 5.95 16.10 -11.98
C LEU A 58 5.01 15.33 -11.08
N ALA A 59 4.96 15.76 -9.81
CA ALA A 59 4.07 15.14 -8.83
C ALA A 59 4.16 15.91 -7.53
N LEU A 60 3.18 15.67 -6.67
CA LEU A 60 3.14 16.32 -5.37
C LEU A 60 3.51 15.27 -4.34
N SER A 61 4.48 15.59 -3.48
CA SER A 61 4.91 14.66 -2.43
C SER A 61 5.20 15.43 -1.15
N TYR A 62 5.92 14.79 -0.23
CA TYR A 62 6.22 15.37 1.06
C TYR A 62 7.72 15.63 1.23
N GLN A 63 8.06 16.79 1.76
CA GLN A 63 9.46 17.15 1.96
C GLN A 63 10.27 16.07 2.64
N PRO A 64 9.81 15.59 3.82
CA PRO A 64 10.57 14.54 4.51
C PRO A 64 10.77 13.32 3.62
N ASP A 65 9.80 13.08 2.75
CA ASP A 65 9.85 11.93 1.84
C ASP A 65 10.92 12.11 0.75
N VAL A 66 11.05 13.33 0.24
CA VAL A 66 12.04 13.64 -0.79
C VAL A 66 13.41 13.28 -0.25
N ILE A 67 13.65 13.66 1.00
CA ILE A 67 14.92 13.37 1.66
C ILE A 67 15.08 11.86 1.80
N LEU A 68 14.06 11.19 2.32
CA LEU A 68 14.11 9.74 2.47
C LEU A 68 14.45 9.15 1.12
N ALA A 69 13.77 9.63 0.09
CA ALA A 69 13.98 9.16 -1.27
C ALA A 69 15.41 9.41 -1.74
N ARG A 70 15.84 10.67 -1.70
CA ARG A 70 17.20 11.01 -2.11
C ARG A 70 18.24 10.25 -1.29
N SER A 71 17.90 9.89 -0.06
CA SER A 71 18.82 9.16 0.82
C SER A 71 18.99 7.72 0.34
N LYS A 72 17.99 7.22 -0.38
CA LYS A 72 18.05 5.87 -0.91
C LYS A 72 18.57 5.91 -2.35
N ASP A 73 19.08 7.07 -2.75
CA ASP A 73 19.67 7.29 -4.06
C ASP A 73 18.70 7.57 -5.19
N LEU A 74 17.50 8.03 -4.86
CA LEU A 74 16.55 8.34 -5.91
C LEU A 74 16.83 9.78 -6.34
N PRO A 75 16.78 10.06 -7.65
CA PRO A 75 17.04 11.39 -8.21
C PRO A 75 15.84 12.33 -8.14
N VAL A 76 15.10 12.25 -7.04
CA VAL A 76 13.93 13.11 -6.84
C VAL A 76 14.35 14.48 -6.32
N VAL A 77 13.78 15.54 -6.88
CA VAL A 77 14.13 16.88 -6.44
C VAL A 77 12.90 17.79 -6.34
N SER A 78 12.76 18.44 -5.19
CA SER A 78 11.65 19.35 -4.95
C SER A 78 11.88 20.64 -5.74
N VAL A 79 10.89 21.02 -6.55
CA VAL A 79 11.03 22.24 -7.33
C VAL A 79 10.10 23.35 -6.86
N ALA A 80 9.32 23.08 -5.81
CA ALA A 80 8.41 24.07 -5.28
C ALA A 80 7.78 23.59 -3.97
N SER A 81 7.51 24.52 -3.06
CA SER A 81 6.89 24.16 -1.79
C SER A 81 5.45 24.68 -1.78
N VAL A 82 4.49 23.76 -1.74
CA VAL A 82 3.08 24.12 -1.75
C VAL A 82 2.48 24.38 -0.36
N VAL A 83 2.65 23.44 0.56
CA VAL A 83 2.15 23.61 1.92
C VAL A 83 3.39 23.66 2.82
N ARG A 84 3.69 24.88 3.27
CA ARG A 84 4.88 25.20 4.06
C ARG A 84 5.01 24.71 5.51
N SER A 85 4.03 23.95 5.99
CA SER A 85 4.07 23.41 7.34
C SER A 85 3.29 22.10 7.36
N PRO A 86 3.41 21.32 8.43
CA PRO A 86 2.68 20.04 8.51
C PRO A 86 1.15 20.08 8.53
N LEU A 87 0.54 19.02 8.03
CA LEU A 87 -0.91 18.85 8.01
C LEU A 87 -1.15 17.53 8.73
N ASN A 88 -0.24 16.59 8.54
CA ASN A 88 -0.33 15.26 9.13
C ASN A 88 -0.50 15.25 10.65
N HIS A 89 -1.45 14.46 11.12
CA HIS A 89 -1.72 14.31 12.56
C HIS A 89 -2.06 12.84 12.82
N VAL A 90 -1.90 12.40 14.06
CA VAL A 90 -2.25 11.04 14.43
C VAL A 90 -3.67 11.15 14.95
N MET A 91 -4.58 10.34 14.42
CA MET A 91 -5.98 10.38 14.84
C MET A 91 -6.50 9.07 15.40
N PHE A 92 -7.56 9.18 16.20
CA PHE A 92 -8.20 8.03 16.82
C PHE A 92 -9.58 8.45 17.35
N LEU A 93 -10.40 7.48 17.72
CA LEU A 93 -11.74 7.76 18.24
C LEU A 93 -11.53 8.26 19.66
N ALA A 94 -12.36 9.21 20.07
CA ALA A 94 -12.24 9.77 21.41
C ALA A 94 -12.31 8.72 22.52
N GLU A 95 -13.10 7.66 22.33
CA GLU A 95 -13.20 6.63 23.36
C GLU A 95 -11.85 6.02 23.73
N GLN A 96 -10.89 6.10 22.82
CA GLN A 96 -9.56 5.55 23.06
C GLN A 96 -8.88 6.27 24.21
N ASP A 97 -9.22 7.54 24.37
CA ASP A 97 -8.67 8.38 25.42
C ASP A 97 -7.18 8.15 25.74
N PHE A 98 -6.33 8.19 24.71
CA PHE A 98 -4.90 8.02 24.91
C PHE A 98 -4.36 9.28 25.59
N ASP A 99 -3.33 9.13 26.42
CA ASP A 99 -2.73 10.26 27.10
C ASP A 99 -1.66 10.90 26.24
N SER A 100 -0.89 10.07 25.56
CA SER A 100 0.19 10.57 24.72
C SER A 100 0.57 9.50 23.72
N PRO A 101 1.34 9.86 22.68
CA PRO A 101 1.78 8.91 21.65
C PRO A 101 2.36 7.62 22.21
N ALA A 102 2.82 7.64 23.45
CA ALA A 102 3.39 6.46 24.07
C ALA A 102 2.34 5.40 24.36
N ASP A 103 1.07 5.76 24.21
CA ASP A 103 0.00 4.79 24.45
C ASP A 103 -0.25 3.95 23.20
N LEU A 104 0.39 4.31 22.10
CA LEU A 104 0.22 3.56 20.87
C LEU A 104 1.03 2.27 21.00
N VAL A 105 1.92 2.24 21.99
CA VAL A 105 2.75 1.05 22.22
C VAL A 105 1.87 -0.19 22.37
N GLY A 106 2.26 -1.27 21.70
CA GLY A 106 1.50 -2.50 21.76
C GLY A 106 0.24 -2.49 20.91
N LEU A 107 -0.06 -1.34 20.30
CA LEU A 107 -1.25 -1.24 19.48
C LEU A 107 -0.90 -1.16 18.01
N THR A 108 -1.91 -1.06 17.17
CA THR A 108 -1.71 -0.97 15.73
C THR A 108 -2.17 0.37 15.19
N VAL A 109 -1.34 0.95 14.35
CA VAL A 109 -1.64 2.23 13.76
C VAL A 109 -1.77 2.03 12.26
N GLY A 110 -2.88 2.51 11.71
CA GLY A 110 -3.09 2.41 10.29
C GLY A 110 -2.36 3.57 9.64
N TYR A 111 -1.95 3.37 8.39
CA TYR A 111 -1.25 4.40 7.65
C TYR A 111 -1.32 4.07 6.15
N PRO A 112 -1.18 5.10 5.30
CA PRO A 112 -1.23 4.98 3.84
C PRO A 112 -0.09 4.26 3.14
N GLY A 113 0.84 3.69 3.89
CA GLY A 113 1.95 3.01 3.25
C GLY A 113 3.07 3.95 2.84
N ILE A 114 2.85 5.24 2.99
CA ILE A 114 3.84 6.26 2.65
C ILE A 114 4.91 6.30 3.74
N PRO A 115 6.19 6.03 3.38
CA PRO A 115 7.32 6.02 4.31
C PRO A 115 7.44 7.19 5.28
N VAL A 116 7.25 8.41 4.78
CA VAL A 116 7.36 9.60 5.61
C VAL A 116 6.67 9.39 6.97
N ASN A 117 5.64 8.56 6.99
CA ASN A 117 4.88 8.30 8.20
C ASN A 117 5.65 7.55 9.28
N GLU A 118 6.74 6.90 8.92
CA GLU A 118 7.52 6.17 9.91
C GLU A 118 8.37 7.05 10.82
N PRO A 119 9.12 8.01 10.26
CA PRO A 119 9.93 8.90 11.10
C PRO A 119 9.04 9.78 11.99
N ILE A 120 7.89 10.18 11.47
CA ILE A 120 6.97 11.02 12.23
C ILE A 120 6.42 10.29 13.46
N LEU A 121 5.90 9.09 13.24
CA LEU A 121 5.33 8.29 14.33
C LEU A 121 6.43 7.85 15.31
N LYS A 122 7.57 7.44 14.76
CA LYS A 122 8.69 7.01 15.60
C LYS A 122 9.08 8.14 16.56
N THR A 123 9.32 9.34 16.02
CA THR A 123 9.69 10.50 16.81
C THR A 123 8.66 10.80 17.89
N MET A 124 7.40 10.85 17.48
CA MET A 124 6.32 11.13 18.40
C MET A 124 6.25 10.10 19.53
N VAL A 125 6.43 8.83 19.19
CA VAL A 125 6.38 7.79 20.20
C VAL A 125 7.56 7.80 21.15
N GLU A 126 8.77 7.99 20.62
CA GLU A 126 9.92 8.02 21.50
C GLU A 126 9.88 9.27 22.37
N ALA A 127 9.40 10.36 21.80
CA ALA A 127 9.30 11.62 22.52
C ALA A 127 8.51 11.45 23.81
N ALA A 128 7.62 10.47 23.82
CA ALA A 128 6.79 10.21 24.99
C ALA A 128 7.29 9.02 25.80
N GLY A 129 8.49 8.55 25.48
CA GLY A 129 9.09 7.45 26.22
C GLY A 129 8.65 6.04 25.88
N GLY A 130 7.84 5.90 24.82
CA GLY A 130 7.38 4.60 24.42
C GLY A 130 8.41 3.93 23.52
N ASP A 131 8.23 2.64 23.29
CA ASP A 131 9.14 1.86 22.44
C ASP A 131 8.49 1.56 21.10
N TYR A 132 8.80 2.40 20.11
CA TYR A 132 8.25 2.28 18.77
C TYR A 132 8.30 0.89 18.13
N GLU A 133 9.28 0.09 18.54
CA GLU A 133 9.45 -1.25 18.00
C GLU A 133 8.27 -2.15 18.36
N GLN A 134 7.43 -1.69 19.27
CA GLN A 134 6.25 -2.44 19.68
C GLN A 134 5.00 -1.77 19.14
N VAL A 135 5.18 -0.80 18.26
CA VAL A 135 4.05 -0.11 17.65
C VAL A 135 3.82 -0.80 16.31
N HIS A 136 2.59 -1.19 16.05
CA HIS A 136 2.30 -1.88 14.81
C HIS A 136 1.61 -1.05 13.74
N LEU A 137 2.30 -0.83 12.62
CA LEU A 137 1.73 -0.09 11.51
C LEU A 137 0.99 -1.04 10.59
N MET A 138 -0.19 -0.62 10.13
CA MET A 138 -1.00 -1.44 9.23
C MET A 138 -1.35 -0.61 8.01
N ASP A 139 -0.82 -1.02 6.86
CA ASP A 139 -1.07 -0.34 5.59
C ASP A 139 -2.53 -0.47 5.14
N VAL A 140 -3.21 0.67 5.02
CA VAL A 140 -4.62 0.69 4.59
C VAL A 140 -4.81 1.52 3.31
N GLY A 141 -3.69 1.91 2.70
CA GLY A 141 -3.75 2.70 1.48
C GLY A 141 -4.56 3.96 1.70
N PHE A 142 -5.47 4.23 0.77
CA PHE A 142 -6.33 5.40 0.84
C PHE A 142 -7.42 5.28 1.92
N GLU A 143 -7.62 4.08 2.42
CA GLU A 143 -8.67 3.84 3.42
C GLU A 143 -8.26 4.21 4.86
N LEU A 144 -7.72 5.40 5.02
CA LEU A 144 -7.28 5.90 6.32
C LEU A 144 -8.43 5.95 7.33
N GLY A 145 -9.49 6.67 6.97
CA GLY A 145 -10.63 6.79 7.86
C GLY A 145 -11.26 5.47 8.23
N ALA A 146 -11.38 4.57 7.27
CA ALA A 146 -12.00 3.28 7.51
C ALA A 146 -11.21 2.41 8.49
N SER A 147 -9.89 2.53 8.48
CA SER A 147 -9.07 1.72 9.37
C SER A 147 -9.46 1.97 10.83
N ILE A 148 -9.52 3.25 11.18
CA ILE A 148 -9.85 3.70 12.53
C ILE A 148 -11.33 3.45 12.84
N VAL A 149 -12.21 3.88 11.96
CA VAL A 149 -13.64 3.69 12.19
C VAL A 149 -14.09 2.23 12.26
N SER A 150 -13.53 1.36 11.41
CA SER A 150 -13.91 -0.05 11.43
C SER A 150 -13.48 -0.66 12.76
N GLY A 151 -12.27 -0.33 13.19
CA GLY A 151 -11.76 -0.85 14.45
C GLY A 151 -10.49 -1.66 14.31
N ARG A 152 -10.17 -2.05 13.07
CA ARG A 152 -8.99 -2.88 12.80
C ARG A 152 -7.68 -2.21 13.22
N ALA A 153 -7.71 -0.89 13.35
CA ALA A 153 -6.54 -0.11 13.76
C ALA A 153 -6.97 0.78 14.94
N ASP A 154 -6.08 0.96 15.91
CA ASP A 154 -6.40 1.77 17.09
C ASP A 154 -6.23 3.25 16.85
N ALA A 155 -5.48 3.59 15.81
CA ALA A 155 -5.23 4.99 15.49
C ALA A 155 -4.69 5.08 14.08
N VAL A 156 -4.68 6.28 13.53
CA VAL A 156 -4.20 6.46 12.19
C VAL A 156 -3.20 7.60 12.16
N VAL A 157 -2.26 7.49 11.24
CA VAL A 157 -1.28 8.53 11.03
C VAL A 157 -1.32 8.67 9.51
N GLY A 158 -1.22 9.90 9.02
CA GLY A 158 -1.30 10.11 7.59
C GLY A 158 -2.54 10.94 7.33
N THR A 159 -3.42 11.02 8.32
CA THR A 159 -4.64 11.81 8.20
C THR A 159 -4.29 13.28 8.36
N TYR A 160 -5.04 14.15 7.68
CA TYR A 160 -4.78 15.59 7.74
C TYR A 160 -5.84 16.34 8.57
N ILE A 161 -5.42 17.37 9.30
CA ILE A 161 -6.35 18.16 10.12
C ILE A 161 -7.26 18.99 9.26
N ASN A 162 -6.77 19.32 8.07
CA ASN A 162 -7.53 20.15 7.14
C ASN A 162 -8.51 19.29 6.35
N HIS A 163 -8.36 17.98 6.42
CA HIS A 163 -9.26 17.11 5.68
C HIS A 163 -9.91 15.97 6.46
N GLU A 164 -9.19 14.86 6.62
CA GLU A 164 -9.74 13.71 7.33
C GLU A 164 -10.41 14.06 8.65
N TYR A 165 -9.79 14.96 9.40
CA TYR A 165 -10.35 15.36 10.68
C TYR A 165 -11.74 15.97 10.57
N PRO A 166 -11.91 17.03 9.76
CA PRO A 166 -13.26 17.61 9.66
C PRO A 166 -14.26 16.69 8.97
N VAL A 167 -13.78 15.76 8.16
CA VAL A 167 -14.66 14.83 7.47
C VAL A 167 -15.25 13.83 8.47
N LEU A 168 -14.37 13.20 9.26
CA LEU A 168 -14.79 12.22 10.26
C LEU A 168 -15.79 12.84 11.23
N LYS A 169 -15.55 14.08 11.63
CA LYS A 169 -16.45 14.76 12.54
C LYS A 169 -17.78 15.01 11.84
N HIS A 170 -17.71 15.44 10.58
CA HIS A 170 -18.91 15.70 9.80
C HIS A 170 -19.71 14.42 9.68
N GLU A 171 -19.01 13.29 9.57
CA GLU A 171 -19.68 11.99 9.44
C GLU A 171 -20.17 11.48 10.80
N GLY A 172 -20.01 12.29 11.84
CA GLY A 172 -20.47 11.89 13.16
C GLY A 172 -19.45 11.30 14.12
N HIS A 173 -18.31 10.83 13.61
CA HIS A 173 -17.29 10.24 14.48
C HIS A 173 -16.62 11.26 15.40
N ASP A 174 -16.36 10.86 16.64
CA ASP A 174 -15.70 11.75 17.58
C ASP A 174 -14.22 11.44 17.55
N ILE A 175 -13.46 12.34 16.94
CA ILE A 175 -12.02 12.19 16.76
C ILE A 175 -11.14 13.07 17.63
N SER A 176 -10.12 12.43 18.22
CA SER A 176 -9.15 13.12 19.04
C SER A 176 -7.81 12.89 18.34
N TYR A 177 -6.77 13.65 18.71
CA TYR A 177 -5.50 13.47 18.04
C TYR A 177 -4.25 13.96 18.74
N PHE A 178 -3.11 13.68 18.11
CA PHE A 178 -1.81 14.11 18.59
C PHE A 178 -1.14 14.86 17.44
N ASN A 179 -0.68 16.06 17.72
CA ASN A 179 -0.01 16.89 16.72
C ASN A 179 1.48 16.61 16.75
N PRO A 180 2.05 16.10 15.65
CA PRO A 180 3.48 15.79 15.59
C PRO A 180 4.43 16.90 16.09
N VAL A 181 4.12 18.16 15.78
CA VAL A 181 5.00 19.24 16.21
C VAL A 181 5.04 19.42 17.73
N ASP A 182 4.13 18.75 18.44
CA ASP A 182 4.14 18.82 19.89
C ASP A 182 4.93 17.64 20.43
N TYR A 183 5.54 16.87 19.52
CA TYR A 183 6.33 15.71 19.92
C TYR A 183 7.61 15.52 19.11
N GLY A 184 8.44 16.56 19.07
CA GLY A 184 9.72 16.48 18.39
C GLY A 184 9.77 16.51 16.87
N VAL A 185 8.63 16.63 16.21
CA VAL A 185 8.61 16.66 14.75
C VAL A 185 8.70 18.10 14.28
N PRO A 186 9.74 18.43 13.48
CA PRO A 186 9.93 19.79 12.96
C PRO A 186 8.82 20.29 12.06
N GLU A 187 8.81 21.61 11.83
CA GLU A 187 7.82 22.26 10.99
C GLU A 187 8.09 22.02 9.50
N TYR A 188 8.10 20.76 9.09
CA TYR A 188 8.38 20.43 7.69
C TYR A 188 7.25 20.83 6.75
N ASP A 189 7.57 20.97 5.46
CA ASP A 189 6.55 21.32 4.47
C ASP A 189 5.78 20.05 4.16
N GLU A 190 4.49 20.05 4.45
CA GLU A 190 3.67 18.88 4.20
C GLU A 190 3.63 18.45 2.73
N LEU A 191 3.65 19.42 1.82
CA LEU A 191 3.54 19.10 0.41
C LEU A 191 4.43 19.93 -0.50
N VAL A 192 5.09 19.27 -1.44
CA VAL A 192 5.96 19.99 -2.37
C VAL A 192 5.86 19.42 -3.76
N LEU A 193 6.02 20.30 -4.75
CA LEU A 193 5.97 19.88 -6.14
C LEU A 193 7.33 19.25 -6.40
N ILE A 194 7.32 18.02 -6.91
CA ILE A 194 8.57 17.31 -7.16
C ILE A 194 8.76 16.89 -8.61
N SER A 195 10.03 16.87 -9.04
CA SER A 195 10.40 16.45 -10.39
C SER A 195 11.65 15.58 -10.23
N ASN A 196 12.19 15.10 -11.34
CA ASN A 196 13.41 14.30 -11.25
C ASN A 196 14.59 15.10 -11.81
N GLU A 197 15.80 14.75 -11.39
CA GLU A 197 16.99 15.48 -11.82
C GLU A 197 17.08 15.70 -13.33
N ALA A 198 17.08 14.61 -14.09
CA ALA A 198 17.18 14.69 -15.55
C ALA A 198 16.24 15.72 -16.16
N TYR A 199 14.97 15.65 -15.79
CA TYR A 199 13.96 16.54 -16.33
C TYR A 199 14.20 18.01 -15.96
N VAL A 200 14.89 18.25 -14.86
CA VAL A 200 15.18 19.60 -14.42
C VAL A 200 16.31 20.16 -15.28
N GLU A 201 17.19 19.27 -15.71
CA GLU A 201 18.33 19.65 -16.54
C GLU A 201 17.94 19.64 -18.00
N GLU A 202 17.28 18.55 -18.42
CA GLU A 202 16.87 18.38 -19.80
C GLU A 202 15.66 19.21 -20.24
N SER A 203 14.76 19.55 -19.32
CA SER A 203 13.56 20.30 -19.72
C SER A 203 13.21 21.51 -18.86
N GLY A 204 14.23 22.27 -18.47
CA GLY A 204 13.99 23.44 -17.64
C GLY A 204 12.94 24.40 -18.18
N GLU A 205 12.83 24.47 -19.50
CA GLU A 205 11.88 25.38 -20.14
C GLU A 205 10.46 24.98 -19.78
N VAL A 206 10.14 23.72 -20.01
CA VAL A 206 8.81 23.18 -19.72
C VAL A 206 8.44 23.41 -18.25
N LEU A 207 9.39 23.13 -17.35
CA LEU A 207 9.16 23.30 -15.93
C LEU A 207 8.90 24.76 -15.56
N ALA A 208 9.59 25.69 -16.24
CA ALA A 208 9.40 27.11 -15.98
C ALA A 208 8.03 27.55 -16.48
N ALA A 209 7.68 27.08 -17.68
CA ALA A 209 6.39 27.41 -18.27
C ALA A 209 5.27 26.89 -17.39
N PHE A 210 5.46 25.71 -16.82
CA PHE A 210 4.47 25.09 -15.96
C PHE A 210 4.19 25.87 -14.68
N TRP A 211 5.25 26.18 -13.94
CA TRP A 211 5.09 26.89 -12.67
C TRP A 211 4.52 28.28 -12.88
N ARG A 212 4.95 28.92 -13.96
CA ARG A 212 4.46 30.26 -14.29
C ARG A 212 2.94 30.14 -14.34
N ALA A 213 2.46 29.10 -15.01
CA ALA A 213 1.04 28.85 -15.15
C ALA A 213 0.43 28.52 -13.78
N ALA A 214 1.01 27.54 -13.10
CA ALA A 214 0.51 27.14 -11.79
C ALA A 214 0.45 28.31 -10.82
N LEU A 215 1.44 29.20 -10.91
CA LEU A 215 1.49 30.38 -10.04
C LEU A 215 0.31 31.32 -10.36
N LYS A 216 -0.01 31.48 -11.64
CA LYS A 216 -1.14 32.32 -12.01
C LYS A 216 -2.38 31.69 -11.40
N GLY A 217 -2.43 30.36 -11.44
CA GLY A 217 -3.55 29.65 -10.87
C GLY A 217 -3.68 30.01 -9.40
N TYR A 218 -2.55 29.96 -8.70
CA TYR A 218 -2.50 30.28 -7.28
C TYR A 218 -2.95 31.73 -6.98
N GLU A 219 -2.36 32.69 -7.69
CA GLU A 219 -2.67 34.09 -7.50
C GLU A 219 -4.15 34.37 -7.78
N TRP A 220 -4.70 33.66 -8.76
CA TRP A 220 -6.10 33.84 -9.10
C TRP A 220 -6.96 33.25 -7.98
N MET A 221 -6.60 32.07 -7.51
CA MET A 221 -7.32 31.42 -6.42
C MET A 221 -7.38 32.36 -5.21
N VAL A 222 -6.24 32.92 -4.88
CA VAL A 222 -6.11 33.85 -3.76
C VAL A 222 -7.05 35.03 -3.89
N GLU A 223 -7.08 35.65 -5.06
CA GLU A 223 -7.94 36.81 -5.28
C GLU A 223 -9.39 36.43 -5.54
N ASN A 224 -9.64 35.16 -5.83
CA ASN A 224 -11.00 34.68 -6.11
C ASN A 224 -11.22 33.37 -5.35
N PRO A 225 -11.05 33.40 -4.02
CA PRO A 225 -11.20 32.25 -3.11
C PRO A 225 -12.38 31.34 -3.36
N ASP A 226 -13.59 31.88 -3.25
CA ASP A 226 -14.79 31.08 -3.44
C ASP A 226 -14.89 30.50 -4.84
N GLU A 227 -14.78 31.36 -5.83
CA GLU A 227 -14.88 30.96 -7.22
C GLU A 227 -13.93 29.78 -7.52
N ALA A 228 -12.68 29.92 -7.06
CA ALA A 228 -11.68 28.89 -7.29
C ALA A 228 -12.00 27.62 -6.50
N LEU A 229 -12.66 27.78 -5.36
CA LEU A 229 -13.00 26.61 -4.56
C LEU A 229 -14.10 25.86 -5.31
N ASN A 230 -14.93 26.62 -6.03
CA ASN A 230 -16.02 26.04 -6.81
C ASN A 230 -15.43 25.21 -7.95
N VAL A 231 -14.40 25.74 -8.59
CA VAL A 231 -13.76 25.03 -9.70
C VAL A 231 -13.31 23.64 -9.24
N LEU A 232 -12.60 23.57 -8.12
CA LEU A 232 -12.12 22.28 -7.63
C LEU A 232 -13.26 21.31 -7.39
N LEU A 233 -14.23 21.76 -6.59
CA LEU A 233 -15.37 20.93 -6.25
C LEU A 233 -16.02 20.27 -7.47
N THR A 234 -16.24 21.03 -8.53
CA THR A 234 -16.86 20.46 -9.72
C THR A 234 -15.90 19.46 -10.38
N ASN A 235 -14.60 19.64 -10.14
CA ASN A 235 -13.61 18.74 -10.70
C ASN A 235 -13.21 17.63 -9.74
N GLN A 236 -14.01 17.42 -8.71
CA GLN A 236 -13.71 16.39 -7.72
C GLN A 236 -14.01 15.00 -8.26
N ASP A 237 -13.26 14.01 -7.80
CA ASP A 237 -13.51 12.65 -8.21
C ASP A 237 -14.63 12.19 -7.28
N GLU A 238 -15.88 12.49 -7.63
CA GLU A 238 -17.02 12.13 -6.80
C GLU A 238 -17.21 10.62 -6.59
N ALA A 239 -16.79 9.82 -7.57
CA ALA A 239 -16.95 8.38 -7.47
C ALA A 239 -16.06 7.71 -6.42
N ASN A 240 -14.84 8.22 -6.22
CA ASN A 240 -13.91 7.61 -5.27
C ASN A 240 -13.51 8.49 -4.08
N PHE A 241 -13.69 9.80 -4.21
CA PHE A 241 -13.31 10.70 -3.14
C PHE A 241 -14.25 11.89 -3.09
N PRO A 242 -15.56 11.62 -2.94
CA PRO A 242 -16.56 12.69 -2.87
C PRO A 242 -16.22 13.68 -1.77
N LEU A 243 -16.41 14.97 -2.05
CA LEU A 243 -16.10 16.01 -1.08
C LEU A 243 -17.34 16.71 -0.51
N ILE A 244 -17.21 17.18 0.72
CA ILE A 244 -18.29 17.89 1.38
C ILE A 244 -17.93 19.37 1.30
N GLN A 245 -18.80 20.16 0.68
CA GLN A 245 -18.50 21.56 0.50
C GLN A 245 -18.06 22.29 1.76
N GLU A 246 -18.85 22.22 2.82
CA GLU A 246 -18.49 22.90 4.06
C GLU A 246 -17.11 22.46 4.52
N VAL A 247 -16.86 21.17 4.51
CA VAL A 247 -15.57 20.63 4.93
C VAL A 247 -14.43 21.24 4.09
N GLU A 248 -14.67 21.33 2.79
CA GLU A 248 -13.65 21.85 1.87
C GLU A 248 -13.34 23.34 1.99
N GLU A 249 -14.32 24.18 2.31
CA GLU A 249 -14.05 25.61 2.45
C GLU A 249 -13.20 25.81 3.68
N GLU A 250 -13.50 25.05 4.72
CA GLU A 250 -12.77 25.12 5.98
C GLU A 250 -11.35 24.65 5.71
N SER A 251 -11.24 23.61 4.89
CA SER A 251 -9.93 23.07 4.54
C SER A 251 -9.14 24.13 3.80
N LEU A 252 -9.77 24.76 2.80
CA LEU A 252 -9.11 25.80 2.02
C LEU A 252 -8.65 26.93 2.91
N SER A 253 -9.51 27.39 3.80
CA SER A 253 -9.15 28.48 4.70
C SER A 253 -7.88 28.13 5.48
N ILE A 254 -7.77 26.88 5.94
CA ILE A 254 -6.58 26.47 6.67
C ILE A 254 -5.36 26.48 5.76
N LEU A 255 -5.49 25.83 4.61
CA LEU A 255 -4.40 25.74 3.65
C LEU A 255 -3.86 27.07 3.16
N LEU A 256 -4.75 28.02 2.91
CA LEU A 256 -4.33 29.32 2.43
C LEU A 256 -3.21 29.88 3.29
N GLU A 257 -3.44 29.91 4.60
CA GLU A 257 -2.45 30.43 5.54
C GLU A 257 -1.12 29.70 5.41
N LYS A 258 -1.19 28.38 5.35
CA LYS A 258 -0.01 27.53 5.24
C LYS A 258 0.65 27.49 3.86
N MET A 259 -0.09 27.86 2.81
CA MET A 259 0.46 27.83 1.45
C MET A 259 1.21 29.12 1.13
N GLU A 260 0.74 30.22 1.69
CA GLU A 260 1.34 31.52 1.45
C GLU A 260 2.79 31.64 1.88
N ASN A 261 3.58 32.31 1.05
CA ASN A 261 4.98 32.55 1.32
C ASN A 261 5.09 34.00 1.82
N PRO A 262 5.31 34.16 3.14
CA PRO A 262 5.43 35.46 3.82
C PRO A 262 6.47 36.41 3.22
N ASN A 263 7.59 35.87 2.75
CA ASN A 263 8.65 36.72 2.23
C ASN A 263 9.20 36.28 0.89
N GLY A 264 8.29 36.02 -0.04
CA GLY A 264 8.65 35.60 -1.38
C GLY A 264 7.40 35.15 -2.10
N PRO A 265 7.53 34.74 -3.37
CA PRO A 265 6.36 34.29 -4.13
C PRO A 265 5.94 32.90 -3.69
N PHE A 266 4.69 32.55 -4.00
CA PHE A 266 4.15 31.24 -3.69
C PHE A 266 5.12 30.22 -4.27
N GLY A 267 5.42 29.17 -3.53
CA GLY A 267 6.32 28.14 -4.00
C GLY A 267 7.77 28.30 -3.59
N GLY A 268 8.16 29.52 -3.23
CA GLY A 268 9.54 29.77 -2.83
C GLY A 268 10.01 28.83 -1.74
N GLN A 269 11.15 28.16 -1.97
CA GLN A 269 11.68 27.21 -1.01
C GLN A 269 12.72 27.82 -0.08
N ASP A 270 12.52 27.60 1.21
CA ASP A 270 13.38 28.10 2.28
C ASP A 270 14.46 27.09 2.61
N ALA A 271 15.71 27.47 2.39
CA ALA A 271 16.85 26.56 2.64
C ALA A 271 16.90 26.05 4.08
N GLU A 272 16.50 26.90 5.01
CA GLU A 272 16.50 26.56 6.43
C GLU A 272 15.59 25.37 6.72
N SER A 273 14.38 25.40 6.17
CA SER A 273 13.42 24.31 6.35
C SER A 273 14.07 22.99 6.00
N TRP A 274 14.58 22.86 4.77
CA TRP A 274 15.22 21.62 4.32
C TRP A 274 16.39 21.18 5.20
N GLU A 275 17.28 22.12 5.47
CA GLU A 275 18.46 21.82 6.29
C GLU A 275 18.09 21.15 7.60
N GLU A 276 17.15 21.71 8.34
CA GLU A 276 16.79 21.09 9.62
C GLU A 276 15.97 19.79 9.47
N VAL A 277 15.20 19.68 8.40
CA VAL A 277 14.41 18.46 8.21
C VAL A 277 15.37 17.33 7.90
N ILE A 278 16.43 17.63 7.17
CA ILE A 278 17.43 16.62 6.85
C ILE A 278 18.13 16.22 8.14
N SER A 279 18.60 17.20 8.92
CA SER A 279 19.30 16.87 10.16
C SER A 279 18.40 16.15 11.16
N TRP A 280 17.09 16.43 11.13
CA TRP A 280 16.18 15.74 12.03
C TRP A 280 16.21 14.27 11.67
N LEU A 281 16.05 13.97 10.39
CA LEU A 281 16.05 12.59 9.94
C LEU A 281 17.42 11.97 10.12
N ASP A 282 18.45 12.68 9.68
CA ASP A 282 19.80 12.16 9.80
C ASP A 282 20.12 11.83 11.24
N ALA A 283 19.52 12.58 12.16
CA ALA A 283 19.76 12.38 13.58
C ALA A 283 19.06 11.14 14.13
N HIS A 284 17.95 10.75 13.52
CA HIS A 284 17.25 9.57 13.99
C HIS A 284 17.57 8.33 13.19
N ASP A 285 18.72 8.37 12.53
CA ASP A 285 19.21 7.27 11.71
C ASP A 285 18.26 6.81 10.60
N TRP A 286 17.61 7.77 9.95
CA TRP A 286 16.70 7.44 8.88
C TRP A 286 17.34 7.56 7.52
N LEU A 287 18.48 8.26 7.45
CA LEU A 287 19.15 8.45 6.18
C LEU A 287 20.32 7.50 5.99
N GLU A 288 20.16 6.54 5.09
CA GLU A 288 21.21 5.56 4.82
C GLU A 288 22.37 6.26 4.12
N GLN A 289 22.07 6.95 3.04
CA GLN A 289 23.09 7.69 2.31
C GLN A 289 22.85 9.17 2.62
N PRO A 290 23.93 9.97 2.69
CA PRO A 290 23.82 11.40 2.99
C PRO A 290 22.98 12.21 1.99
N VAL A 291 22.29 13.22 2.50
CA VAL A 291 21.46 14.07 1.69
C VAL A 291 21.85 15.51 2.00
N VAL A 292 21.94 16.33 0.96
CA VAL A 292 22.32 17.72 1.12
C VAL A 292 21.19 18.63 0.62
N ALA A 293 20.95 19.73 1.34
CA ALA A 293 19.89 20.67 0.97
C ALA A 293 20.12 21.41 -0.36
N GLU A 294 21.35 21.42 -0.83
CA GLU A 294 21.65 22.10 -2.09
C GLU A 294 21.22 21.19 -3.23
N ASP A 295 20.97 19.92 -2.90
CA ASP A 295 20.57 18.96 -3.90
C ASP A 295 19.14 18.44 -3.71
N ALA A 296 18.57 18.63 -2.53
CA ALA A 296 17.22 18.18 -2.27
C ALA A 296 16.17 19.03 -2.97
N PHE A 297 16.54 20.25 -3.35
CA PHE A 297 15.60 21.15 -4.01
C PHE A 297 16.29 22.18 -4.90
N SER A 298 15.55 22.72 -5.84
CA SER A 298 16.08 23.74 -6.74
C SER A 298 14.95 24.59 -7.29
N SER A 299 15.31 25.78 -7.77
CA SER A 299 14.33 26.71 -8.29
C SER A 299 14.15 26.54 -9.80
N ILE A 300 12.91 26.36 -10.22
CA ILE A 300 12.60 26.19 -11.63
C ILE A 300 12.22 27.52 -12.25
N THR A 301 12.39 28.57 -11.47
CA THR A 301 12.07 29.92 -11.92
C THR A 301 13.32 30.78 -11.69
N ALA B 1 19.87 -25.53 22.50
CA ALA B 1 19.17 -24.23 22.33
C ALA B 1 18.22 -24.30 21.14
N LEU B 2 17.13 -23.55 21.20
CA LEU B 2 16.16 -23.53 20.11
C LEU B 2 16.59 -22.57 19.02
N GLU B 3 16.53 -23.03 17.78
CA GLU B 3 16.90 -22.21 16.63
C GLU B 3 15.79 -21.25 16.26
N THR B 4 15.99 -19.96 16.56
CA THR B 4 15.00 -18.94 16.26
C THR B 4 14.81 -18.73 14.76
N VAL B 5 13.56 -18.69 14.33
CA VAL B 5 13.23 -18.50 12.92
C VAL B 5 12.00 -17.60 12.75
N GLU B 6 12.17 -16.49 12.04
CA GLU B 6 11.06 -15.56 11.79
C GLU B 6 10.24 -16.02 10.58
N VAL B 7 8.92 -15.98 10.72
CA VAL B 7 8.05 -16.37 9.62
C VAL B 7 7.03 -15.28 9.44
N MET B 8 7.04 -14.61 8.29
CA MET B 8 6.07 -13.56 8.03
C MET B 8 4.87 -14.11 7.24
N LEU B 9 3.67 -13.91 7.80
CA LEU B 9 2.46 -14.36 7.15
C LEU B 9 2.14 -13.47 5.97
N ASP B 10 1.34 -13.99 5.05
CA ASP B 10 0.93 -13.27 3.85
C ASP B 10 -0.17 -12.26 4.15
N TRP B 11 -0.88 -12.49 5.25
CA TRP B 11 -2.01 -11.64 5.61
C TRP B 11 -2.17 -11.77 7.09
N TYR B 12 -3.26 -11.24 7.63
CA TYR B 12 -3.48 -11.41 9.04
C TYR B 12 -3.91 -12.86 9.23
N PRO B 13 -3.87 -13.37 10.47
CA PRO B 13 -4.25 -14.76 10.73
C PRO B 13 -5.66 -15.15 10.29
N ASN B 14 -5.76 -16.29 9.59
CA ASN B 14 -7.05 -16.79 9.14
C ASN B 14 -6.95 -18.31 8.86
N ALA B 15 -8.07 -18.95 8.58
CA ALA B 15 -8.12 -20.38 8.33
C ALA B 15 -6.92 -21.03 7.63
N VAL B 16 -6.38 -20.35 6.61
CA VAL B 16 -5.26 -20.92 5.88
C VAL B 16 -3.97 -21.15 6.68
N HIS B 17 -3.77 -20.38 7.76
CA HIS B 17 -2.55 -20.52 8.57
C HIS B 17 -2.64 -21.56 9.69
N THR B 18 -3.78 -22.27 9.76
CA THR B 18 -4.01 -23.28 10.77
C THR B 18 -2.88 -24.29 10.94
N PHE B 19 -2.36 -24.80 9.82
CA PHE B 19 -1.29 -25.78 9.91
C PHE B 19 -0.05 -25.22 10.62
N LEU B 20 0.21 -23.92 10.49
CA LEU B 20 1.36 -23.32 11.15
C LEU B 20 1.18 -23.11 12.65
N TYR B 21 0.02 -22.60 13.07
CA TYR B 21 -0.19 -22.39 14.49
C TYR B 21 -0.32 -23.73 15.19
N VAL B 22 -0.81 -24.73 14.47
CA VAL B 22 -0.93 -26.06 15.05
C VAL B 22 0.47 -26.60 15.36
N ALA B 23 1.39 -26.40 14.41
CA ALA B 23 2.77 -26.85 14.58
C ALA B 23 3.46 -26.10 15.72
N ILE B 24 2.95 -24.92 16.08
CA ILE B 24 3.56 -24.21 17.18
C ILE B 24 2.96 -24.69 18.50
N GLU B 25 1.63 -24.68 18.58
CA GLU B 25 0.95 -25.11 19.79
C GLU B 25 1.29 -26.55 20.15
N ASN B 26 1.18 -27.45 19.19
CA ASN B 26 1.48 -28.85 19.46
C ASN B 26 2.95 -29.09 19.80
N GLY B 27 3.77 -28.05 19.63
CA GLY B 27 5.17 -28.16 19.95
C GLY B 27 6.01 -28.87 18.91
N TYR B 28 5.51 -28.99 17.67
CA TYR B 28 6.27 -29.66 16.61
C TYR B 28 7.56 -28.92 16.23
N PHE B 29 7.51 -27.60 16.21
CA PHE B 29 8.71 -26.83 15.87
C PHE B 29 9.78 -27.05 16.93
N ALA B 30 9.37 -27.01 18.19
CA ALA B 30 10.30 -27.23 19.29
C ALA B 30 10.94 -28.60 19.09
N GLU B 31 10.14 -29.61 18.76
CA GLU B 31 10.64 -30.96 18.52
C GLU B 31 11.79 -30.96 17.51
N GLU B 32 11.68 -30.11 16.49
CA GLU B 32 12.72 -30.03 15.46
C GLU B 32 13.83 -29.05 15.79
N GLY B 33 13.94 -28.67 17.06
CA GLY B 33 14.97 -27.76 17.51
C GLY B 33 14.82 -26.31 17.10
N LEU B 34 13.62 -25.89 16.75
CA LEU B 34 13.39 -24.52 16.35
C LEU B 34 12.38 -23.72 17.16
N ASP B 35 12.61 -22.41 17.25
CA ASP B 35 11.71 -21.50 17.96
C ASP B 35 11.11 -20.62 16.86
N VAL B 36 9.85 -20.88 16.53
CA VAL B 36 9.18 -20.13 15.47
C VAL B 36 8.40 -18.92 15.97
N ASP B 37 8.71 -17.77 15.39
CA ASP B 37 8.02 -16.55 15.77
C ASP B 37 7.24 -16.02 14.57
N ILE B 38 5.91 -16.14 14.64
CA ILE B 38 5.07 -15.66 13.55
C ILE B 38 4.92 -14.14 13.64
N VAL B 39 5.15 -13.46 12.52
CA VAL B 39 5.04 -12.01 12.45
C VAL B 39 4.10 -11.62 11.33
N PHE B 40 3.27 -10.59 11.57
CA PHE B 40 2.34 -10.15 10.53
C PHE B 40 2.95 -9.02 9.71
N PRO B 41 2.60 -8.95 8.42
CA PRO B 41 3.13 -7.89 7.56
C PRO B 41 2.49 -6.55 7.87
N THR B 42 3.28 -5.48 7.83
CA THR B 42 2.71 -4.16 8.07
C THR B 42 2.25 -3.67 6.71
N ASN B 43 2.94 -4.13 5.67
CA ASN B 43 2.62 -3.80 4.29
C ASN B 43 2.45 -5.12 3.54
N PRO B 44 1.39 -5.22 2.71
CA PRO B 44 1.10 -6.42 1.94
C PRO B 44 2.24 -6.93 1.07
N THR B 45 3.15 -6.05 0.67
CA THR B 45 4.27 -6.48 -0.15
C THR B 45 5.47 -6.88 0.71
N ASP B 46 5.38 -6.68 2.03
CA ASP B 46 6.47 -7.01 2.94
C ASP B 46 7.02 -8.43 2.77
N PRO B 47 6.15 -9.45 2.87
CA PRO B 47 6.60 -10.84 2.73
C PRO B 47 7.69 -11.02 1.68
N ILE B 48 7.34 -10.72 0.44
CA ILE B 48 8.26 -10.86 -0.67
C ILE B 48 9.47 -9.93 -0.53
N GLN B 49 9.22 -8.72 -0.04
CA GLN B 49 10.28 -7.75 0.08
C GLN B 49 11.26 -8.00 1.24
N LEU B 50 10.73 -8.33 2.41
CA LEU B 50 11.62 -8.58 3.54
C LEU B 50 12.38 -9.89 3.36
N THR B 51 11.76 -10.86 2.69
CA THR B 51 12.43 -12.15 2.46
C THR B 51 13.60 -11.90 1.53
N ALA B 52 13.30 -11.23 0.42
CA ALA B 52 14.28 -10.92 -0.60
C ALA B 52 15.53 -10.24 -0.05
N SER B 53 15.32 -9.29 0.85
CA SER B 53 16.44 -8.55 1.44
C SER B 53 17.17 -9.32 2.53
N GLY B 54 16.68 -10.50 2.88
CA GLY B 54 17.35 -11.27 3.90
C GLY B 54 16.89 -10.95 5.31
N ALA B 55 16.16 -9.84 5.46
CA ALA B 55 15.64 -9.44 6.76
C ALA B 55 14.83 -10.56 7.42
N ILE B 56 14.19 -11.38 6.60
CA ILE B 56 13.38 -12.49 7.08
C ILE B 56 13.76 -13.72 6.27
N PRO B 57 13.76 -14.91 6.91
CA PRO B 57 14.09 -16.16 6.22
C PRO B 57 12.88 -16.90 5.63
N LEU B 58 11.72 -16.75 6.27
CA LEU B 58 10.53 -17.42 5.78
C LEU B 58 9.29 -16.54 5.72
N ALA B 59 8.45 -16.80 4.72
CA ALA B 59 7.22 -16.05 4.54
C ALA B 59 6.28 -16.75 3.55
N LEU B 60 5.05 -16.29 3.51
CA LEU B 60 4.04 -16.83 2.61
C LEU B 60 3.76 -15.77 1.55
N SER B 61 3.78 -16.19 0.28
CA SER B 61 3.49 -15.27 -0.81
C SER B 61 2.77 -15.99 -1.93
N TYR B 62 2.80 -15.43 -3.13
CA TYR B 62 2.09 -16.03 -4.25
C TYR B 62 3.05 -16.45 -5.37
N GLN B 63 2.77 -17.61 -5.97
CA GLN B 63 3.62 -18.12 -7.05
C GLN B 63 3.96 -17.08 -8.11
N PRO B 64 2.95 -16.40 -8.67
CA PRO B 64 3.21 -15.38 -9.68
C PRO B 64 4.14 -14.28 -9.16
N ASP B 65 3.97 -13.91 -7.88
CA ASP B 65 4.81 -12.87 -7.29
C ASP B 65 6.27 -13.26 -7.18
N VAL B 66 6.53 -14.52 -6.89
CA VAL B 66 7.91 -14.98 -6.79
C VAL B 66 8.51 -14.77 -8.17
N ILE B 67 7.75 -15.08 -9.22
CA ILE B 67 8.24 -14.93 -10.59
C ILE B 67 8.54 -13.46 -10.88
N LEU B 68 7.58 -12.60 -10.56
CA LEU B 68 7.75 -11.16 -10.78
C LEU B 68 8.93 -10.65 -9.99
N ALA B 69 9.05 -11.11 -8.76
CA ALA B 69 10.15 -10.69 -7.89
C ALA B 69 11.48 -11.07 -8.52
N ARG B 70 11.59 -12.31 -8.97
CA ARG B 70 12.82 -12.77 -9.60
C ARG B 70 13.05 -12.00 -10.90
N SER B 71 11.96 -11.67 -11.59
CA SER B 71 12.05 -10.93 -12.83
C SER B 71 12.65 -9.57 -12.54
N LYS B 72 12.52 -9.12 -11.30
CA LYS B 72 13.07 -7.84 -10.87
C LYS B 72 14.41 -8.07 -10.17
N ASP B 73 14.97 -9.25 -10.37
CA ASP B 73 16.26 -9.58 -9.79
C ASP B 73 16.28 -9.96 -8.32
N LEU B 74 15.14 -9.86 -7.63
CA LEU B 74 15.10 -10.24 -6.22
C LEU B 74 15.39 -11.73 -6.14
N PRO B 75 16.23 -12.14 -5.18
CA PRO B 75 16.63 -13.55 -4.98
C PRO B 75 15.69 -14.44 -4.19
N VAL B 76 14.38 -14.27 -4.33
CA VAL B 76 13.47 -15.13 -3.58
C VAL B 76 13.20 -16.43 -4.32
N VAL B 77 12.93 -17.48 -3.55
CA VAL B 77 12.67 -18.78 -4.11
C VAL B 77 11.57 -19.48 -3.33
N SER B 78 10.70 -20.19 -4.04
CA SER B 78 9.59 -20.92 -3.43
C SER B 78 10.06 -22.27 -2.90
N VAL B 79 9.84 -22.51 -1.61
CA VAL B 79 10.27 -23.78 -1.02
C VAL B 79 9.11 -24.69 -0.68
N ALA B 80 7.89 -24.28 -1.05
CA ALA B 80 6.72 -25.11 -0.75
C ALA B 80 5.41 -24.52 -1.24
N SER B 81 4.65 -25.32 -2.00
CA SER B 81 3.35 -24.88 -2.49
C SER B 81 2.34 -25.24 -1.40
N VAL B 82 1.65 -24.24 -0.86
CA VAL B 82 0.67 -24.47 0.21
C VAL B 82 -0.77 -24.53 -0.32
N VAL B 83 -1.13 -23.59 -1.17
CA VAL B 83 -2.46 -23.59 -1.79
C VAL B 83 -2.12 -23.72 -3.28
N ARG B 84 -2.33 -24.92 -3.80
CA ARG B 84 -1.99 -25.31 -5.16
C ARG B 84 -2.83 -24.78 -6.34
N SER B 85 -3.78 -23.90 -6.06
CA SER B 85 -4.61 -23.32 -7.10
C SER B 85 -5.03 -21.94 -6.65
N PRO B 86 -5.59 -21.13 -7.56
CA PRO B 86 -6.01 -19.77 -7.19
C PRO B 86 -7.21 -19.68 -6.24
N LEU B 87 -7.24 -18.57 -5.49
CA LEU B 87 -8.31 -18.26 -4.54
C LEU B 87 -8.85 -16.88 -4.94
N ASN B 88 -7.95 -16.06 -5.46
CA ASN B 88 -8.25 -14.70 -5.90
C ASN B 88 -9.41 -14.57 -6.88
N HIS B 89 -10.38 -13.73 -6.54
CA HIS B 89 -11.57 -13.46 -7.37
C HIS B 89 -11.80 -11.96 -7.38
N VAL B 90 -12.28 -11.43 -8.52
CA VAL B 90 -12.60 -10.01 -8.59
C VAL B 90 -14.00 -9.99 -8.01
N MET B 91 -14.24 -9.11 -7.04
CA MET B 91 -15.56 -9.04 -6.40
C MET B 91 -16.16 -7.63 -6.50
N PHE B 92 -17.49 -7.59 -6.53
CA PHE B 92 -18.22 -6.34 -6.60
C PHE B 92 -19.63 -6.57 -6.07
N LEU B 93 -20.26 -5.51 -5.58
CA LEU B 93 -21.63 -5.62 -5.07
C LEU B 93 -22.52 -6.08 -6.22
N ALA B 94 -23.49 -6.93 -5.92
CA ALA B 94 -24.42 -7.46 -6.93
C ALA B 94 -25.10 -6.35 -7.74
N GLU B 95 -25.21 -5.16 -7.14
CA GLU B 95 -25.84 -4.00 -7.81
C GLU B 95 -25.19 -3.76 -9.17
N GLN B 96 -23.88 -3.55 -9.16
CA GLN B 96 -23.09 -3.28 -10.36
C GLN B 96 -23.63 -3.95 -11.61
N ASP B 97 -23.84 -5.25 -11.51
CA ASP B 97 -24.38 -6.02 -12.63
C ASP B 97 -23.46 -6.03 -13.84
N PHE B 98 -22.16 -6.23 -13.61
CA PHE B 98 -21.22 -6.28 -14.72
C PHE B 98 -21.44 -7.56 -15.48
N ASP B 99 -21.35 -7.50 -16.80
CA ASP B 99 -21.53 -8.70 -17.62
C ASP B 99 -20.20 -9.41 -17.76
N SER B 100 -19.12 -8.63 -17.73
CA SER B 100 -17.79 -9.17 -17.87
C SER B 100 -16.76 -8.16 -17.38
N PRO B 101 -15.51 -8.61 -17.19
CA PRO B 101 -14.42 -7.75 -16.72
C PRO B 101 -14.23 -6.49 -17.57
N ALA B 102 -14.74 -6.51 -18.80
CA ALA B 102 -14.60 -5.34 -19.67
C ALA B 102 -15.46 -4.18 -19.18
N ASP B 103 -16.44 -4.48 -18.34
CA ASP B 103 -17.30 -3.43 -17.81
C ASP B 103 -16.53 -2.65 -16.73
N LEU B 104 -15.35 -3.14 -16.38
CA LEU B 104 -14.53 -2.46 -15.39
C LEU B 104 -13.86 -1.23 -16.01
N VAL B 105 -13.86 -1.15 -17.34
CA VAL B 105 -13.29 -0.01 -18.05
C VAL B 105 -13.97 1.31 -17.61
N GLY B 106 -13.16 2.28 -17.21
CA GLY B 106 -13.68 3.57 -16.78
C GLY B 106 -14.07 3.63 -15.31
N LEU B 107 -13.82 2.54 -14.60
CA LEU B 107 -14.16 2.47 -13.19
C LEU B 107 -12.90 2.25 -12.39
N THR B 108 -13.04 2.15 -11.06
CA THR B 108 -11.91 1.94 -10.18
C THR B 108 -12.02 0.65 -9.37
N VAL B 109 -10.95 -0.15 -9.45
CA VAL B 109 -10.88 -1.42 -8.74
C VAL B 109 -9.90 -1.30 -7.59
N GLY B 110 -10.32 -1.74 -6.42
CA GLY B 110 -9.45 -1.70 -5.27
C GLY B 110 -8.58 -2.95 -5.23
N TYR B 111 -7.37 -2.82 -4.71
CA TYR B 111 -6.47 -3.95 -4.60
C TYR B 111 -5.54 -3.72 -3.41
N PRO B 112 -5.04 -4.80 -2.79
CA PRO B 112 -4.15 -4.75 -1.63
C PRO B 112 -2.80 -4.09 -1.83
N GLY B 113 -2.50 -3.69 -3.06
CA GLY B 113 -1.21 -3.07 -3.31
C GLY B 113 -0.19 -4.12 -3.72
N ILE B 114 -0.65 -5.37 -3.82
CA ILE B 114 0.22 -6.48 -4.21
C ILE B 114 0.25 -6.58 -5.75
N PRO B 115 1.45 -6.43 -6.34
CA PRO B 115 1.63 -6.47 -7.80
C PRO B 115 0.94 -7.60 -8.58
N VAL B 116 0.95 -8.81 -8.04
CA VAL B 116 0.33 -9.94 -8.73
C VAL B 116 -1.06 -9.63 -9.31
N ASN B 117 -1.79 -8.73 -8.65
CA ASN B 117 -3.13 -8.38 -9.10
C ASN B 117 -3.18 -7.63 -10.42
N GLU B 118 -2.17 -6.82 -10.74
CA GLU B 118 -2.18 -6.10 -12.00
C GLU B 118 -2.25 -7.09 -13.17
N PRO B 119 -1.27 -8.00 -13.31
CA PRO B 119 -1.28 -8.99 -14.40
C PRO B 119 -2.59 -9.78 -14.47
N ILE B 120 -3.15 -10.13 -13.31
CA ILE B 120 -4.41 -10.87 -13.26
C ILE B 120 -5.56 -10.06 -13.87
N LEU B 121 -5.80 -8.87 -13.32
CA LEU B 121 -6.86 -7.99 -13.79
C LEU B 121 -6.68 -7.62 -15.27
N LYS B 122 -5.48 -7.23 -15.66
CA LYS B 122 -5.20 -6.87 -17.04
C LYS B 122 -5.55 -8.01 -18.00
N THR B 123 -5.09 -9.22 -17.66
CA THR B 123 -5.37 -10.39 -18.49
C THR B 123 -6.89 -10.53 -18.59
N MET B 124 -7.54 -10.51 -17.43
CA MET B 124 -8.99 -10.65 -17.37
C MET B 124 -9.74 -9.61 -18.20
N VAL B 125 -9.44 -8.34 -17.97
CA VAL B 125 -10.09 -7.27 -18.71
C VAL B 125 -9.85 -7.40 -20.21
N GLU B 126 -8.60 -7.70 -20.58
CA GLU B 126 -8.30 -7.82 -21.99
C GLU B 126 -9.00 -9.01 -22.63
N ALA B 127 -9.13 -10.11 -21.90
CA ALA B 127 -9.81 -11.28 -22.45
C ALA B 127 -11.27 -10.96 -22.73
N ALA B 128 -11.83 -10.01 -21.99
CA ALA B 128 -13.22 -9.63 -22.16
C ALA B 128 -13.37 -8.49 -23.18
N GLY B 129 -12.26 -8.15 -23.84
CA GLY B 129 -12.29 -7.12 -24.86
C GLY B 129 -12.23 -5.66 -24.41
N GLY B 130 -11.68 -5.42 -23.23
CA GLY B 130 -11.60 -4.05 -22.74
C GLY B 130 -10.20 -3.50 -22.70
N ASP B 131 -10.10 -2.17 -22.66
CA ASP B 131 -8.81 -1.50 -22.60
C ASP B 131 -8.47 -1.33 -21.13
N TYR B 132 -7.39 -1.98 -20.71
CA TYR B 132 -6.95 -1.94 -19.32
C TYR B 132 -6.41 -0.58 -18.89
N GLU B 133 -5.83 0.17 -19.85
CA GLU B 133 -5.28 1.48 -19.55
C GLU B 133 -6.38 2.35 -18.96
N GLN B 134 -7.62 2.05 -19.32
CA GLN B 134 -8.76 2.81 -18.84
C GLN B 134 -9.35 2.27 -17.53
N VAL B 135 -8.69 1.31 -16.92
CA VAL B 135 -9.17 0.75 -15.65
C VAL B 135 -8.35 1.37 -14.53
N HIS B 136 -9.01 1.77 -13.45
CA HIS B 136 -8.27 2.40 -12.35
C HIS B 136 -8.14 1.56 -11.10
N LEU B 137 -6.90 1.28 -10.72
CA LEU B 137 -6.65 0.52 -9.50
C LEU B 137 -6.49 1.50 -8.32
N MET B 138 -7.04 1.12 -7.18
CA MET B 138 -6.96 1.94 -5.99
C MET B 138 -6.42 1.11 -4.84
N ASP B 139 -5.23 1.47 -4.36
CA ASP B 139 -4.58 0.76 -3.27
C ASP B 139 -5.28 1.00 -1.93
N VAL B 140 -5.78 -0.08 -1.33
CA VAL B 140 -6.45 -0.03 -0.04
C VAL B 140 -5.78 -0.95 0.98
N GLY B 141 -4.58 -1.42 0.67
CA GLY B 141 -3.88 -2.31 1.58
C GLY B 141 -4.76 -3.46 2.06
N PHE B 142 -5.00 -3.49 3.37
CA PHE B 142 -5.81 -4.54 3.98
C PHE B 142 -7.32 -4.27 3.97
N GLU B 143 -7.72 -3.03 3.74
CA GLU B 143 -9.14 -2.70 3.73
C GLU B 143 -9.80 -3.03 2.39
N LEU B 144 -9.83 -4.30 2.03
CA LEU B 144 -10.43 -4.72 0.78
C LEU B 144 -11.95 -4.57 0.80
N GLY B 145 -12.60 -5.27 1.71
CA GLY B 145 -14.04 -5.20 1.80
C GLY B 145 -14.57 -3.77 1.86
N ALA B 146 -13.92 -2.94 2.66
CA ALA B 146 -14.33 -1.54 2.81
C ALA B 146 -14.35 -0.77 1.50
N SER B 147 -13.33 -0.98 0.67
CA SER B 147 -13.27 -0.30 -0.61
C SER B 147 -14.57 -0.43 -1.39
N ILE B 148 -15.10 -1.64 -1.52
CA ILE B 148 -16.36 -1.83 -2.27
C ILE B 148 -17.62 -1.59 -1.44
N VAL B 149 -17.62 -1.98 -0.18
CA VAL B 149 -18.80 -1.77 0.65
C VAL B 149 -19.04 -0.26 0.83
N SER B 150 -17.98 0.54 0.88
CA SER B 150 -18.12 1.98 1.02
C SER B 150 -18.47 2.66 -0.30
N GLY B 151 -18.46 1.89 -1.38
CA GLY B 151 -18.78 2.44 -2.69
C GLY B 151 -17.64 3.31 -3.21
N ARG B 152 -16.56 3.33 -2.45
CA ARG B 152 -15.39 4.11 -2.82
C ARG B 152 -14.71 3.44 -4.02
N ALA B 153 -15.01 2.14 -4.19
CA ALA B 153 -14.48 1.34 -5.28
C ALA B 153 -15.63 0.63 -5.99
N ASP B 154 -15.52 0.49 -7.31
CA ASP B 154 -16.56 -0.14 -8.10
C ASP B 154 -16.43 -1.66 -8.05
N ALA B 155 -15.20 -2.13 -7.87
CA ALA B 155 -14.93 -3.55 -7.78
C ALA B 155 -13.62 -3.67 -7.02
N VAL B 156 -13.27 -4.89 -6.64
CA VAL B 156 -12.04 -5.13 -5.90
C VAL B 156 -11.41 -6.43 -6.33
N VAL B 157 -10.08 -6.46 -6.32
CA VAL B 157 -9.36 -7.67 -6.65
C VAL B 157 -8.38 -7.91 -5.50
N GLY B 158 -8.01 -9.16 -5.30
CA GLY B 158 -7.08 -9.49 -4.22
C GLY B 158 -7.82 -10.27 -3.17
N THR B 159 -9.14 -10.14 -3.19
CA THR B 159 -10.00 -10.83 -2.25
C THR B 159 -10.04 -12.32 -2.59
N TYR B 160 -10.12 -13.16 -1.57
CA TYR B 160 -10.16 -14.62 -1.75
C TYR B 160 -11.57 -15.17 -1.60
N ILE B 161 -11.88 -16.16 -2.43
CA ILE B 161 -13.21 -16.78 -2.42
C ILE B 161 -13.50 -17.57 -1.13
N ASN B 162 -12.44 -18.01 -0.44
CA ASN B 162 -12.60 -18.77 0.80
C ASN B 162 -12.73 -17.86 2.01
N HIS B 163 -12.38 -16.59 1.86
CA HIS B 163 -12.45 -15.69 3.00
C HIS B 163 -13.31 -14.45 2.81
N GLU B 164 -12.86 -13.51 2.00
CA GLU B 164 -13.61 -12.27 1.81
C GLU B 164 -15.02 -12.53 1.29
N TYR B 165 -15.14 -13.44 0.33
CA TYR B 165 -16.43 -13.76 -0.25
C TYR B 165 -17.45 -14.10 0.84
N PRO B 166 -17.23 -15.20 1.59
CA PRO B 166 -18.17 -15.58 2.65
C PRO B 166 -18.30 -14.54 3.76
N VAL B 167 -17.29 -13.69 3.93
CA VAL B 167 -17.33 -12.66 4.96
C VAL B 167 -18.30 -11.57 4.54
N LEU B 168 -18.10 -11.02 3.36
CA LEU B 168 -19.00 -9.96 2.87
C LEU B 168 -20.44 -10.49 2.90
N LYS B 169 -20.63 -11.72 2.44
CA LYS B 169 -21.96 -12.32 2.44
C LYS B 169 -22.49 -12.42 3.87
N HIS B 170 -21.65 -12.90 4.78
CA HIS B 170 -22.04 -13.05 6.17
C HIS B 170 -22.38 -11.70 6.80
N GLU B 171 -21.76 -10.63 6.29
CA GLU B 171 -21.99 -9.29 6.81
C GLU B 171 -23.21 -8.67 6.12
N GLY B 172 -23.81 -9.41 5.19
CA GLY B 172 -25.00 -8.91 4.53
C GLY B 172 -24.89 -8.35 3.12
N HIS B 173 -23.75 -8.54 2.47
CA HIS B 173 -23.58 -8.01 1.12
C HIS B 173 -23.75 -9.06 0.02
N ASP B 174 -24.61 -8.75 -0.96
CA ASP B 174 -24.86 -9.63 -2.10
C ASP B 174 -23.68 -9.42 -3.05
N ILE B 175 -22.75 -10.38 -3.06
CA ILE B 175 -21.56 -10.26 -3.90
C ILE B 175 -21.57 -11.07 -5.18
N SER B 176 -21.07 -10.46 -6.25
CA SER B 176 -20.95 -11.12 -7.54
C SER B 176 -19.48 -11.14 -7.87
N TYR B 177 -19.06 -11.94 -8.84
CA TYR B 177 -17.63 -12.05 -9.11
C TYR B 177 -17.24 -12.45 -10.53
N PHE B 178 -15.93 -12.50 -10.74
CA PHE B 178 -15.33 -12.92 -12.00
C PHE B 178 -14.11 -13.76 -11.60
N ASN B 179 -14.11 -15.03 -11.98
CA ASN B 179 -13.02 -15.95 -11.69
C ASN B 179 -11.93 -15.70 -12.73
N PRO B 180 -10.71 -15.37 -12.28
CA PRO B 180 -9.64 -15.13 -13.26
C PRO B 180 -9.40 -16.32 -14.18
N VAL B 181 -9.58 -17.51 -13.64
CA VAL B 181 -9.39 -18.75 -14.40
C VAL B 181 -10.35 -18.83 -15.59
N ASP B 182 -11.46 -18.10 -15.52
CA ASP B 182 -12.44 -18.09 -16.60
C ASP B 182 -12.08 -17.02 -17.60
N TYR B 183 -11.06 -16.23 -17.30
CA TYR B 183 -10.68 -15.16 -18.18
C TYR B 183 -9.22 -15.11 -18.58
N GLY B 184 -8.69 -16.26 -19.01
CA GLY B 184 -7.31 -16.32 -19.48
C GLY B 184 -6.19 -16.44 -18.46
N VAL B 185 -6.50 -16.51 -17.18
CA VAL B 185 -5.44 -16.63 -16.19
C VAL B 185 -5.24 -18.09 -15.85
N PRO B 186 -3.96 -18.51 -15.72
CA PRO B 186 -3.55 -19.88 -15.41
C PRO B 186 -3.78 -20.30 -13.96
N GLU B 187 -3.91 -21.61 -13.75
CA GLU B 187 -4.13 -22.18 -12.42
C GLU B 187 -2.88 -22.09 -11.54
N TYR B 188 -2.43 -20.88 -11.22
CA TYR B 188 -1.23 -20.73 -10.40
C TYR B 188 -1.51 -21.09 -8.93
N ASP B 189 -0.46 -21.34 -8.16
CA ASP B 189 -0.61 -21.65 -6.74
C ASP B 189 -0.81 -20.33 -6.00
N GLU B 190 -1.95 -20.19 -5.33
CA GLU B 190 -2.24 -18.94 -4.61
C GLU B 190 -1.27 -18.65 -3.47
N LEU B 191 -1.02 -19.64 -2.63
CA LEU B 191 -0.11 -19.45 -1.50
C LEU B 191 1.06 -20.41 -1.54
N VAL B 192 2.26 -19.87 -1.38
CA VAL B 192 3.46 -20.66 -1.42
C VAL B 192 4.46 -20.16 -0.37
N LEU B 193 5.13 -21.08 0.30
CA LEU B 193 6.13 -20.72 1.31
C LEU B 193 7.40 -20.28 0.58
N ILE B 194 7.94 -19.14 1.00
CA ILE B 194 9.15 -18.60 0.36
C ILE B 194 10.33 -18.30 1.28
N SER B 195 11.51 -18.38 0.70
CA SER B 195 12.76 -18.07 1.40
C SER B 195 13.68 -17.46 0.35
N ASN B 196 14.84 -16.97 0.78
CA ASN B 196 15.76 -16.41 -0.20
C ASN B 196 16.81 -17.46 -0.53
N GLU B 197 17.54 -17.24 -1.60
CA GLU B 197 18.56 -18.19 -2.01
C GLU B 197 19.63 -18.39 -0.95
N ALA B 198 20.20 -17.28 -0.48
CA ALA B 198 21.26 -17.32 0.53
C ALA B 198 20.90 -18.21 1.71
N TYR B 199 19.65 -18.12 2.16
CA TYR B 199 19.19 -18.90 3.30
C TYR B 199 18.94 -20.38 3.01
N VAL B 200 18.47 -20.68 1.81
CA VAL B 200 18.21 -22.07 1.44
C VAL B 200 19.55 -22.78 1.30
N GLU B 201 20.60 -22.02 1.01
CA GLU B 201 21.93 -22.58 0.85
C GLU B 201 22.63 -22.74 2.19
N GLU B 202 22.54 -21.70 3.04
CA GLU B 202 23.18 -21.70 4.35
C GLU B 202 22.40 -22.43 5.45
N SER B 203 21.08 -22.40 5.39
CA SER B 203 20.28 -23.04 6.44
C SER B 203 19.27 -24.07 5.98
N GLY B 204 19.71 -25.02 5.16
CA GLY B 204 18.82 -26.05 4.67
C GLY B 204 18.32 -27.04 5.71
N GLU B 205 19.16 -27.35 6.69
CA GLU B 205 18.77 -28.29 7.73
C GLU B 205 17.65 -27.65 8.56
N VAL B 206 17.73 -26.33 8.69
CA VAL B 206 16.71 -25.62 9.43
C VAL B 206 15.42 -25.72 8.64
N LEU B 207 15.49 -25.33 7.38
CA LEU B 207 14.34 -25.39 6.50
C LEU B 207 13.70 -26.78 6.51
N ALA B 208 14.52 -27.82 6.49
CA ALA B 208 14.01 -29.18 6.50
C ALA B 208 13.39 -29.51 7.85
N ALA B 209 13.98 -28.97 8.91
CA ALA B 209 13.47 -29.20 10.25
C ALA B 209 12.12 -28.49 10.33
N PHE B 210 12.11 -27.26 9.85
CA PHE B 210 10.91 -26.44 9.85
C PHE B 210 9.77 -27.06 9.06
N TRP B 211 10.08 -27.63 7.89
CA TRP B 211 9.05 -28.23 7.06
C TRP B 211 8.49 -29.56 7.56
N ARG B 212 9.30 -30.33 8.29
CA ARG B 212 8.80 -31.58 8.83
C ARG B 212 7.77 -31.21 9.88
N ALA B 213 8.16 -30.31 10.78
CA ALA B 213 7.25 -29.88 11.84
C ALA B 213 6.00 -29.34 11.19
N ALA B 214 6.17 -28.62 10.09
CA ALA B 214 5.05 -28.01 9.38
C ALA B 214 4.14 -29.07 8.77
N LEU B 215 4.77 -30.08 8.18
CA LEU B 215 4.04 -31.17 7.53
C LEU B 215 3.23 -31.88 8.61
N LYS B 216 3.88 -32.06 9.76
CA LYS B 216 3.30 -32.72 10.90
C LYS B 216 2.07 -31.94 11.37
N GLY B 217 2.23 -30.62 11.49
CA GLY B 217 1.12 -29.79 11.91
C GLY B 217 -0.01 -29.91 10.88
N TYR B 218 0.34 -29.91 9.60
CA TYR B 218 -0.61 -30.05 8.50
C TYR B 218 -1.39 -31.36 8.60
N GLU B 219 -0.66 -32.44 8.80
CA GLU B 219 -1.26 -33.76 8.91
C GLU B 219 -2.17 -33.88 10.13
N TRP B 220 -1.83 -33.17 11.19
CA TRP B 220 -2.64 -33.21 12.39
C TRP B 220 -3.97 -32.51 12.09
N MET B 221 -3.88 -31.39 11.38
CA MET B 221 -5.04 -30.59 10.97
C MET B 221 -6.02 -31.42 10.15
N VAL B 222 -5.47 -32.22 9.24
CA VAL B 222 -6.30 -33.07 8.38
C VAL B 222 -7.01 -34.16 9.19
N GLU B 223 -6.35 -34.70 10.21
CA GLU B 223 -6.94 -35.73 11.05
C GLU B 223 -7.88 -35.09 12.07
N ASN B 224 -7.62 -33.83 12.42
CA ASN B 224 -8.45 -33.11 13.39
C ASN B 224 -8.86 -31.74 12.86
N PRO B 225 -9.67 -31.71 11.80
CA PRO B 225 -10.13 -30.46 11.19
C PRO B 225 -10.58 -29.40 12.19
N ASP B 226 -11.61 -29.73 12.96
CA ASP B 226 -12.16 -28.81 13.94
C ASP B 226 -11.25 -28.40 15.09
N GLU B 227 -10.56 -29.36 15.68
CA GLU B 227 -9.67 -29.06 16.79
C GLU B 227 -8.58 -28.13 16.31
N ALA B 228 -8.17 -28.30 15.06
CA ALA B 228 -7.14 -27.47 14.47
C ALA B 228 -7.66 -26.05 14.28
N LEU B 229 -8.83 -25.95 13.66
CA LEU B 229 -9.45 -24.66 13.40
C LEU B 229 -9.64 -23.89 14.71
N ASN B 230 -9.85 -24.60 15.80
CA ASN B 230 -10.02 -23.93 17.08
C ASN B 230 -8.68 -23.42 17.55
N VAL B 231 -7.62 -24.19 17.31
CA VAL B 231 -6.28 -23.76 17.69
C VAL B 231 -6.01 -22.44 16.95
N LEU B 232 -6.46 -22.38 15.70
CA LEU B 232 -6.27 -21.20 14.88
C LEU B 232 -7.03 -19.99 15.41
N LEU B 233 -8.31 -20.18 15.70
CA LEU B 233 -9.16 -19.10 16.20
C LEU B 233 -8.68 -18.55 17.53
N THR B 234 -8.20 -19.42 18.40
CA THR B 234 -7.71 -18.96 19.67
C THR B 234 -6.44 -18.14 19.44
N ASN B 235 -5.76 -18.42 18.35
CA ASN B 235 -4.52 -17.70 18.03
C ASN B 235 -4.72 -16.63 16.96
N GLN B 236 -5.96 -16.19 16.78
CA GLN B 236 -6.28 -15.17 15.80
C GLN B 236 -5.90 -13.79 16.31
N ASP B 237 -5.82 -12.83 15.38
CA ASP B 237 -5.52 -11.45 15.74
C ASP B 237 -6.85 -10.71 15.83
N GLU B 238 -7.58 -10.99 16.90
CA GLU B 238 -8.88 -10.41 17.14
C GLU B 238 -9.01 -8.88 17.11
N ALA B 239 -7.93 -8.17 17.45
CA ALA B 239 -7.97 -6.71 17.46
C ALA B 239 -7.97 -6.05 16.08
N ASN B 240 -7.16 -6.57 15.17
CA ASN B 240 -7.07 -5.98 13.84
C ASN B 240 -7.67 -6.83 12.71
N PHE B 241 -8.03 -8.08 13.02
CA PHE B 241 -8.62 -8.95 12.00
C PHE B 241 -9.47 -10.07 12.62
N PRO B 242 -10.52 -9.70 13.36
CA PRO B 242 -11.40 -10.67 14.02
C PRO B 242 -11.99 -11.66 13.03
N LEU B 243 -12.12 -12.91 13.45
CA LEU B 243 -12.66 -13.97 12.60
C LEU B 243 -14.04 -14.45 13.03
N ILE B 244 -14.75 -15.08 12.10
CA ILE B 244 -16.08 -15.60 12.36
C ILE B 244 -16.02 -17.11 12.31
N GLN B 245 -16.38 -17.75 13.42
CA GLN B 245 -16.38 -19.20 13.51
C GLN B 245 -16.86 -19.84 12.20
N GLU B 246 -18.09 -19.52 11.80
CA GLU B 246 -18.68 -20.09 10.59
C GLU B 246 -17.94 -19.87 9.28
N VAL B 247 -17.57 -18.63 8.98
CA VAL B 247 -16.87 -18.38 7.73
C VAL B 247 -15.53 -19.11 7.72
N GLU B 248 -14.84 -19.08 8.85
CA GLU B 248 -13.53 -19.70 8.96
C GLU B 248 -13.55 -21.22 8.79
N GLU B 249 -14.58 -21.91 9.26
CA GLU B 249 -14.63 -23.36 9.08
C GLU B 249 -15.04 -23.66 7.63
N GLU B 250 -15.80 -22.73 7.06
CA GLU B 250 -16.22 -22.85 5.67
C GLU B 250 -14.98 -22.65 4.80
N SER B 251 -14.16 -21.69 5.21
CA SER B 251 -12.92 -21.36 4.52
C SER B 251 -12.02 -22.58 4.52
N LEU B 252 -11.84 -23.20 5.68
CA LEU B 252 -11.00 -24.39 5.81
C LEU B 252 -11.48 -25.48 4.86
N SER B 253 -12.79 -25.66 4.80
CA SER B 253 -13.36 -26.68 3.93
C SER B 253 -12.89 -26.46 2.49
N ILE B 254 -12.75 -25.20 2.10
CA ILE B 254 -12.28 -24.89 0.75
C ILE B 254 -10.79 -25.16 0.62
N LEU B 255 -10.02 -24.61 1.54
CA LEU B 255 -8.58 -24.77 1.52
C LEU B 255 -8.11 -26.22 1.66
N LEU B 256 -8.84 -27.02 2.43
CA LEU B 256 -8.44 -28.42 2.59
C LEU B 256 -8.27 -29.11 1.25
N GLU B 257 -9.17 -28.78 0.32
CA GLU B 257 -9.15 -29.37 -1.00
C GLU B 257 -7.98 -28.84 -1.83
N LYS B 258 -7.78 -27.53 -1.80
CA LYS B 258 -6.70 -26.89 -2.56
C LYS B 258 -5.30 -27.09 -1.99
N MET B 259 -5.18 -27.36 -0.69
CA MET B 259 -3.87 -27.57 -0.07
C MET B 259 -3.34 -28.99 -0.27
N GLU B 260 -4.25 -29.95 -0.31
CA GLU B 260 -3.89 -31.35 -0.49
C GLU B 260 -3.28 -31.66 -1.85
N ASN B 261 -2.18 -32.40 -1.83
CA ASN B 261 -1.52 -32.81 -3.07
C ASN B 261 -2.10 -34.20 -3.31
N PRO B 262 -3.06 -34.30 -4.24
CA PRO B 262 -3.70 -35.58 -4.55
C PRO B 262 -2.75 -36.77 -4.52
N ASN B 263 -1.67 -36.67 -5.27
CA ASN B 263 -0.68 -37.74 -5.31
C ASN B 263 0.67 -37.08 -5.12
N GLY B 264 1.20 -37.22 -3.91
CA GLY B 264 2.48 -36.61 -3.59
C GLY B 264 2.36 -35.99 -2.21
N PRO B 265 3.46 -35.46 -1.66
CA PRO B 265 3.36 -34.86 -0.33
C PRO B 265 2.97 -33.39 -0.31
N PHE B 266 2.37 -32.99 0.81
CA PHE B 266 1.97 -31.60 1.02
C PHE B 266 3.20 -30.71 0.75
N GLY B 267 2.99 -29.62 0.02
CA GLY B 267 4.09 -28.72 -0.29
C GLY B 267 4.84 -29.00 -1.58
N GLY B 268 4.68 -30.20 -2.13
CA GLY B 268 5.37 -30.56 -3.36
C GLY B 268 5.08 -29.69 -4.57
N GLN B 269 6.13 -29.28 -5.27
CA GLN B 269 5.99 -28.44 -6.45
C GLN B 269 6.54 -29.17 -7.67
N ASP B 270 6.33 -28.59 -8.84
CA ASP B 270 6.83 -29.17 -10.09
C ASP B 270 7.03 -28.10 -11.15
N ALA B 271 8.03 -28.31 -11.99
CA ALA B 271 8.36 -27.37 -13.05
C ALA B 271 7.17 -26.93 -13.88
N GLU B 272 6.31 -27.89 -14.23
CA GLU B 272 5.12 -27.61 -15.06
C GLU B 272 4.38 -26.33 -14.67
N SER B 273 3.77 -26.34 -13.48
CA SER B 273 3.02 -25.19 -12.99
C SER B 273 3.80 -23.89 -13.13
N TRP B 274 5.05 -23.90 -12.68
CA TRP B 274 5.91 -22.71 -12.76
C TRP B 274 6.18 -22.24 -14.19
N GLU B 275 6.43 -23.17 -15.10
CA GLU B 275 6.70 -22.80 -16.49
C GLU B 275 5.44 -22.21 -17.11
N GLU B 276 4.29 -22.78 -16.77
CA GLU B 276 3.03 -22.28 -17.30
C GLU B 276 2.84 -20.85 -16.84
N VAL B 277 3.01 -20.62 -15.55
CA VAL B 277 2.82 -19.29 -14.99
C VAL B 277 3.85 -18.32 -15.50
N ILE B 278 5.09 -18.78 -15.69
CA ILE B 278 6.12 -17.89 -16.21
C ILE B 278 5.71 -17.44 -17.62
N SER B 279 5.43 -18.42 -18.48
CA SER B 279 5.03 -18.13 -19.85
C SER B 279 3.88 -17.13 -19.90
N TRP B 280 2.89 -17.33 -19.05
CA TRP B 280 1.75 -16.44 -18.98
C TRP B 280 2.20 -15.00 -18.81
N LEU B 281 3.05 -14.77 -17.82
CA LEU B 281 3.54 -13.43 -17.53
C LEU B 281 4.44 -12.84 -18.61
N ASP B 282 5.13 -13.69 -19.37
CA ASP B 282 5.98 -13.20 -20.43
C ASP B 282 5.10 -12.79 -21.59
N ALA B 283 4.17 -13.67 -21.95
CA ALA B 283 3.24 -13.42 -23.03
C ALA B 283 2.56 -12.06 -22.87
N HIS B 284 2.14 -11.76 -21.66
CA HIS B 284 1.47 -10.49 -21.40
C HIS B 284 2.44 -9.36 -21.06
N ASP B 285 3.71 -9.58 -21.36
CA ASP B 285 4.76 -8.60 -21.14
C ASP B 285 4.82 -8.03 -19.73
N TRP B 286 4.96 -8.92 -18.75
CA TRP B 286 5.05 -8.49 -17.36
C TRP B 286 6.42 -8.73 -16.78
N LEU B 287 7.22 -9.51 -17.47
CA LEU B 287 8.57 -9.81 -17.00
C LEU B 287 9.57 -8.81 -17.55
N GLU B 288 10.59 -8.51 -16.75
CA GLU B 288 11.64 -7.59 -17.16
C GLU B 288 12.83 -8.50 -17.45
N GLN B 289 13.29 -9.23 -16.45
CA GLN B 289 14.40 -10.14 -16.67
C GLN B 289 13.76 -11.51 -16.87
N PRO B 290 14.34 -12.35 -17.73
CA PRO B 290 13.78 -13.68 -17.99
C PRO B 290 13.80 -14.48 -16.70
N VAL B 291 12.84 -15.37 -16.50
CA VAL B 291 12.83 -16.17 -15.29
C VAL B 291 12.88 -17.64 -15.62
N VAL B 292 13.67 -18.40 -14.87
CA VAL B 292 13.82 -19.83 -15.08
C VAL B 292 13.09 -20.65 -14.02
N ALA B 293 12.09 -21.41 -14.46
CA ALA B 293 11.28 -22.24 -13.56
C ALA B 293 12.14 -22.97 -12.54
N GLU B 294 13.16 -23.67 -13.02
CA GLU B 294 14.04 -24.42 -12.14
C GLU B 294 14.52 -23.57 -10.97
N ASP B 295 15.07 -22.40 -11.26
CA ASP B 295 15.58 -21.52 -10.21
C ASP B 295 14.49 -20.86 -9.38
N ALA B 296 13.26 -20.91 -9.86
CA ALA B 296 12.16 -20.28 -9.14
C ALA B 296 11.71 -21.05 -7.90
N PHE B 297 11.94 -22.36 -7.88
CA PHE B 297 11.53 -23.15 -6.73
C PHE B 297 12.51 -24.26 -6.46
N SER B 298 12.41 -24.86 -5.28
CA SER B 298 13.28 -25.95 -4.90
C SER B 298 12.71 -26.70 -3.69
N SER B 299 12.87 -28.02 -3.72
CA SER B 299 12.38 -28.87 -2.65
C SER B 299 13.14 -28.58 -1.37
N ILE B 300 12.44 -28.70 -0.24
CA ILE B 300 13.01 -28.41 1.05
C ILE B 300 13.36 -29.68 1.82
N THR B 301 12.97 -30.82 1.26
CA THR B 301 13.24 -32.11 1.89
C THR B 301 13.48 -33.21 0.86
#